data_4KOV
#
_entry.id   4KOV
#
_cell.length_a   58.621
_cell.length_b   76.472
_cell.length_c   39.473
_cell.angle_alpha   90.00
_cell.angle_beta   90.00
_cell.angle_gamma   90.00
#
_symmetry.space_group_name_H-M   'P 21 21 2'
#
loop_
_entity.id
_entity.type
_entity.pdbx_description
1 polymer 'Uncharacterized protein'
2 non-polymer 'SULFATE ION'
3 non-polymer '(6R,7R)-3-[(carbamoyloxy)methyl]-7-{[(2Z)-2-(furan-2-yl)-2-(methoxyimino)acetyl]amino}-8-oxo-5-thia-1-azabicyclo[4.2.0]oct-2-ene-2-carboxylic acid'
4 non-polymer 1,2-ETHANEDIOL
5 water water
#
_entity_poly.entity_id   1
_entity_poly.type   'polypeptide(L)'
_entity_poly.pdbx_seq_one_letter_code
;GHMQLSHRPAETGDLETVAGFPQDRDELFYCYPKAIWPFSVAQLAAAIAERRGSTVAVHDGQVLGFANFYQWQHGDFCAL
GNMMVAPAARGLGVARYLIGVMENLAREQYKARLMKISCFNANAAGLLLYTQLGYQPRAIAERHDPDGRRVALIQMDKPL
EP
;
_entity_poly.pdbx_strand_id   A
#
loop_
_chem_comp.id
_chem_comp.type
_chem_comp.name
_chem_comp.formula
EDO non-polymer 1,2-ETHANEDIOL 'C2 H6 O2'
KOV non-polymer '(6R,7R)-3-[(carbamoyloxy)methyl]-7-{[(2Z)-2-(furan-2-yl)-2-(methoxyimino)acetyl]amino}-8-oxo-5-thia-1-azabicyclo[4.2.0]oct-2-ene-2-carboxylic acid' 'C16 H16 N4 O8 S'
SO4 non-polymer 'SULFATE ION' 'O4 S -2'
#
# COMPACT_ATOMS: atom_id res chain seq x y z
N MET A 3 -8.34 2.45 -17.94
CA MET A 3 -9.03 3.35 -16.96
C MET A 3 -8.48 4.78 -17.09
N GLN A 4 -9.30 5.80 -16.80
CA GLN A 4 -8.82 7.22 -16.81
C GLN A 4 -8.40 7.75 -15.41
N LEU A 5 -7.35 7.15 -14.85
CA LEU A 5 -6.97 7.36 -13.47
C LEU A 5 -6.23 8.67 -13.20
N SER A 6 -6.53 9.26 -12.04
CA SER A 6 -5.82 10.40 -11.51
C SER A 6 -5.42 10.12 -10.08
N HIS A 7 -4.61 10.99 -9.51
CA HIS A 7 -4.19 10.88 -8.15
C HIS A 7 -4.06 12.20 -7.44
N ARG A 8 -4.17 12.15 -6.12
CA ARG A 8 -4.01 13.31 -5.25
C ARG A 8 -3.74 12.86 -3.84
N PRO A 9 -3.20 13.76 -2.99
CA PRO A 9 -3.08 13.42 -1.57
C PRO A 9 -4.45 13.05 -0.98
N ALA A 10 -4.41 12.10 -0.06
CA ALA A 10 -5.62 11.65 0.65
C ALA A 10 -6.13 12.81 1.51
N GLU A 11 -7.46 12.92 1.63
CA GLU A 11 -8.12 13.94 2.38
C GLU A 11 -9.06 13.30 3.39
N THR A 12 -9.43 14.07 4.39
N THR A 12 -9.44 14.05 4.41
CA THR A 12 -10.45 13.62 5.41
CA THR A 12 -10.39 13.51 5.42
C THR A 12 -11.67 12.97 4.83
C THR A 12 -11.66 12.95 4.82
N GLY A 13 -12.21 13.61 3.80
CA GLY A 13 -13.40 13.10 3.19
C GLY A 13 -13.28 11.74 2.51
N ASP A 14 -12.06 11.32 2.19
CA ASP A 14 -11.83 10.04 1.56
C ASP A 14 -11.79 8.87 2.56
N LEU A 15 -11.70 9.19 3.86
N LEU A 15 -11.69 9.13 3.84
CA LEU A 15 -11.42 8.19 4.94
CA LEU A 15 -11.34 8.02 4.73
C LEU A 15 -12.45 7.07 4.98
C LEU A 15 -12.45 7.04 4.94
N GLU A 16 -13.70 7.48 4.95
CA GLU A 16 -14.80 6.51 5.08
CA GLU A 16 -14.74 6.46 5.14
C GLU A 16 -14.75 5.50 3.92
N THR A 17 -14.52 6.02 2.71
CA THR A 17 -14.41 5.16 1.52
C THR A 17 -13.29 4.16 1.62
N VAL A 18 -12.09 4.68 1.88
CA VAL A 18 -10.89 3.82 1.97
C VAL A 18 -11.00 2.75 3.09
N ALA A 19 -11.57 3.20 4.21
CA ALA A 19 -11.70 2.29 5.35
C ALA A 19 -12.68 1.13 5.04
N GLY A 20 -13.50 1.32 4.01
CA GLY A 20 -14.39 0.27 3.54
C GLY A 20 -13.72 -0.78 2.66
N PHE A 21 -12.48 -0.52 2.22
CA PHE A 21 -11.89 -1.42 1.24
C PHE A 21 -11.57 -2.83 1.74
N PRO A 22 -10.98 -3.00 2.93
CA PRO A 22 -10.62 -4.38 3.33
C PRO A 22 -11.91 -5.15 3.62
N GLN A 23 -12.02 -6.33 3.02
CA GLN A 23 -13.30 -7.10 3.06
C GLN A 23 -13.35 -8.14 4.16
N ASP A 24 -12.24 -8.43 4.79
CA ASP A 24 -12.16 -9.39 5.86
C ASP A 24 -10.85 -9.27 6.62
N ARG A 25 -10.67 -10.09 7.65
CA ARG A 25 -9.47 -9.99 8.50
C ARG A 25 -8.20 -10.20 7.77
N ASP A 26 -8.23 -11.11 6.79
CA ASP A 26 -7.01 -11.41 6.00
C ASP A 26 -6.57 -10.24 5.16
N GLU A 27 -7.54 -9.62 4.49
CA GLU A 27 -7.18 -8.52 3.64
C GLU A 27 -6.66 -7.39 4.51
N LEU A 28 -7.26 -7.15 5.71
CA LEU A 28 -6.82 -6.06 6.61
C LEU A 28 -5.40 -6.35 7.10
N PHE A 29 -5.17 -7.59 7.51
CA PHE A 29 -3.80 -7.98 7.91
C PHE A 29 -2.84 -7.80 6.83
N TYR A 30 -3.19 -8.16 5.61
CA TYR A 30 -2.18 -8.09 4.55
C TYR A 30 -1.75 -6.66 4.25
N CYS A 31 -2.67 -5.71 4.38
N CYS A 31 -2.67 -5.70 4.38
CA CYS A 31 -2.36 -4.31 4.06
CA CYS A 31 -2.35 -4.29 4.05
C CYS A 31 -2.04 -3.41 5.24
C CYS A 31 -2.06 -3.40 5.24
N TYR A 32 -2.36 -3.85 6.45
CA TYR A 32 -2.15 -3.07 7.65
C TYR A 32 -2.10 -3.97 8.88
N PRO A 33 -1.00 -4.72 9.05
CA PRO A 33 -1.00 -5.76 10.10
C PRO A 33 -1.14 -5.25 11.56
N LYS A 34 -0.84 -3.98 11.83
CA LYS A 34 -1.01 -3.41 13.16
C LYS A 34 -2.49 -3.11 13.44
N ALA A 35 -3.32 -3.00 12.40
CA ALA A 35 -4.74 -2.67 12.60
C ALA A 35 -5.46 -3.84 13.24
N ILE A 36 -6.61 -3.53 13.87
CA ILE A 36 -7.50 -4.51 14.49
C ILE A 36 -8.82 -4.48 13.78
N TRP A 37 -9.33 -5.63 13.41
CA TRP A 37 -10.63 -5.76 12.81
C TRP A 37 -11.74 -5.54 13.89
N PRO A 38 -12.80 -4.82 13.57
CA PRO A 38 -13.11 -4.15 12.30
C PRO A 38 -12.28 -2.86 12.10
N PHE A 39 -11.95 -2.59 10.85
CA PHE A 39 -11.23 -1.36 10.46
C PHE A 39 -12.18 -0.18 10.67
N SER A 40 -11.62 0.99 10.82
CA SER A 40 -12.35 2.20 11.10
C SER A 40 -11.61 3.37 10.54
N VAL A 41 -12.37 4.45 10.43
CA VAL A 41 -11.77 5.71 10.02
C VAL A 41 -10.65 6.17 10.98
N ALA A 42 -10.85 6.03 12.29
CA ALA A 42 -9.86 6.46 13.28
C ALA A 42 -8.56 5.69 13.12
N GLN A 43 -8.64 4.40 12.82
CA GLN A 43 -7.42 3.64 12.63
C GLN A 43 -6.70 4.08 11.37
N LEU A 44 -7.46 4.38 10.34
CA LEU A 44 -6.83 4.82 9.06
C LEU A 44 -6.20 6.20 9.26
N ALA A 45 -6.92 7.09 9.94
CA ALA A 45 -6.38 8.42 10.17
C ALA A 45 -5.10 8.39 11.02
N ALA A 46 -5.04 7.50 11.99
CA ALA A 46 -3.84 7.33 12.80
C ALA A 46 -2.67 6.88 11.96
N ALA A 47 -2.90 5.93 11.04
CA ALA A 47 -1.83 5.52 10.10
C ALA A 47 -1.34 6.69 9.27
N ILE A 48 -2.26 7.42 8.67
CA ILE A 48 -1.92 8.59 7.89
C ILE A 48 -1.06 9.60 8.68
N ALA A 49 -1.41 9.83 9.93
CA ALA A 49 -0.74 10.81 10.78
C ALA A 49 0.68 10.38 11.02
N GLU A 50 0.93 9.09 11.16
CA GLU A 50 2.29 8.70 11.43
C GLU A 50 3.09 8.27 10.24
N ARG A 51 2.56 8.39 9.04
CA ARG A 51 3.26 8.00 7.85
C ARG A 51 3.40 9.19 6.92
N ARG A 52 3.87 8.94 5.70
CA ARG A 52 4.03 9.99 4.68
CA ARG A 52 4.03 9.99 4.68
C ARG A 52 3.48 9.53 3.36
N GLY A 53 3.12 10.51 2.54
CA GLY A 53 2.81 10.19 1.18
C GLY A 53 1.42 9.58 0.91
N SER A 54 0.51 9.71 1.85
CA SER A 54 -0.80 9.03 1.67
C SER A 54 -1.51 9.65 0.44
N THR A 55 -1.83 8.79 -0.52
CA THR A 55 -2.26 9.15 -1.87
C THR A 55 -3.47 8.27 -2.23
N VAL A 56 -4.44 8.89 -2.88
CA VAL A 56 -5.55 8.18 -3.44
C VAL A 56 -5.49 8.20 -4.97
N ALA A 57 -5.97 7.12 -5.57
CA ALA A 57 -6.24 7.05 -7.01
C ALA A 57 -7.74 7.16 -7.24
N VAL A 58 -8.08 7.94 -8.23
CA VAL A 58 -9.47 8.29 -8.52
C VAL A 58 -9.79 7.96 -9.96
N HIS A 59 -10.97 7.36 -10.22
CA HIS A 59 -11.45 7.13 -11.59
C HIS A 59 -12.95 7.48 -11.63
N ASP A 60 -13.36 8.27 -12.60
CA ASP A 60 -14.81 8.62 -12.72
C ASP A 60 -15.44 9.05 -11.39
N GLY A 61 -14.73 9.89 -10.64
CA GLY A 61 -15.24 10.47 -9.44
C GLY A 61 -15.16 9.57 -8.23
N GLN A 62 -14.61 8.38 -8.39
CA GLN A 62 -14.59 7.41 -7.31
CA GLN A 62 -14.59 7.43 -7.28
C GLN A 62 -13.18 7.17 -6.82
N VAL A 63 -12.99 7.24 -5.50
CA VAL A 63 -11.70 6.83 -4.90
C VAL A 63 -11.64 5.30 -4.95
N LEU A 64 -10.65 4.78 -5.64
CA LEU A 64 -10.52 3.35 -5.91
C LEU A 64 -9.27 2.72 -5.31
N GLY A 65 -8.31 3.56 -4.91
CA GLY A 65 -7.02 3.06 -4.37
C GLY A 65 -6.44 4.00 -3.39
N PHE A 66 -5.61 3.45 -2.48
CA PHE A 66 -4.87 4.19 -1.48
C PHE A 66 -3.54 3.52 -1.17
N ALA A 67 -2.50 4.33 -0.89
CA ALA A 67 -1.24 3.82 -0.45
C ALA A 67 -0.47 4.93 0.25
N ASN A 68 0.58 4.50 0.97
CA ASN A 68 1.42 5.42 1.67
C ASN A 68 2.84 4.83 1.87
N PHE A 69 3.71 5.58 2.54
CA PHE A 69 5.00 5.07 2.96
C PHE A 69 5.04 4.89 4.46
N TYR A 70 5.48 3.73 4.93
CA TYR A 70 5.72 3.55 6.37
C TYR A 70 7.16 3.65 6.78
N GLN A 71 8.06 3.71 5.81
CA GLN A 71 9.48 4.08 6.01
C GLN A 71 9.87 5.00 4.90
N TRP A 72 10.72 5.99 5.22
CA TRP A 72 11.19 6.93 4.24
C TRP A 72 12.59 7.37 4.78
N GLN A 73 13.58 7.35 3.90
CA GLN A 73 14.91 7.74 4.29
C GLN A 73 15.41 8.55 3.11
N HIS A 74 15.50 9.89 3.25
N HIS A 74 15.49 9.87 3.25
CA HIS A 74 15.94 10.81 2.12
CA HIS A 74 15.89 10.76 2.15
C HIS A 74 17.24 10.32 1.53
C HIS A 74 17.25 10.34 1.53
N GLY A 75 17.27 10.23 0.21
CA GLY A 75 18.49 9.82 -0.52
C GLY A 75 18.75 8.36 -0.57
N ASP A 76 17.79 7.55 -0.02
CA ASP A 76 18.04 6.16 0.20
C ASP A 76 16.87 5.32 -0.34
N PHE A 77 15.79 5.25 0.42
CA PHE A 77 14.70 4.39 0.02
C PHE A 77 13.39 4.82 0.63
N CYS A 78 12.25 4.34 0.09
CA CYS A 78 10.99 4.41 0.83
C CYS A 78 10.40 3.01 0.87
N ALA A 79 9.51 2.70 1.84
CA ALA A 79 8.84 1.40 1.90
C ALA A 79 7.34 1.68 1.80
N LEU A 80 6.73 1.06 0.84
N LEU A 80 6.73 1.03 0.83
CA LEU A 80 5.32 1.31 0.52
CA LEU A 80 5.32 1.22 0.42
C LEU A 80 4.45 0.36 1.26
C LEU A 80 4.45 0.34 1.25
N GLY A 81 3.39 0.92 1.84
CA GLY A 81 2.41 0.14 2.60
C GLY A 81 1.02 0.68 2.49
N ASN A 82 0.19 0.03 3.26
CA ASN A 82 -1.29 0.34 3.29
C ASN A 82 -1.87 0.34 1.86
N MET A 83 -1.46 -0.61 1.03
CA MET A 83 -1.92 -0.70 -0.38
C MET A 83 -3.34 -1.31 -0.39
N MET A 84 -4.34 -0.50 -0.72
CA MET A 84 -5.72 -0.92 -0.64
C MET A 84 -6.44 -0.50 -1.88
N VAL A 85 -7.27 -1.39 -2.40
CA VAL A 85 -7.98 -1.16 -3.63
C VAL A 85 -9.45 -1.59 -3.36
N ALA A 86 -10.33 -0.79 -3.84
CA ALA A 86 -11.78 -1.07 -3.82
C ALA A 86 -12.06 -2.45 -4.43
N PRO A 87 -12.92 -3.24 -3.77
CA PRO A 87 -13.24 -4.56 -4.28
C PRO A 87 -13.78 -4.62 -5.73
N ALA A 88 -14.60 -3.67 -6.12
CA ALA A 88 -15.14 -3.63 -7.50
C ALA A 88 -14.08 -3.29 -8.57
N ALA A 89 -12.92 -2.80 -8.14
CA ALA A 89 -11.90 -2.36 -9.07
C ALA A 89 -10.66 -3.23 -9.04
N ARG A 90 -10.73 -4.41 -8.45
CA ARG A 90 -9.50 -5.16 -8.29
C ARG A 90 -9.12 -5.84 -9.61
N GLY A 91 -7.81 -5.89 -9.89
CA GLY A 91 -7.36 -6.50 -11.15
C GLY A 91 -7.48 -5.62 -12.39
N LEU A 92 -7.87 -4.36 -12.24
CA LEU A 92 -8.13 -3.47 -13.38
C LEU A 92 -7.01 -2.50 -13.57
N GLY A 93 -5.96 -2.66 -12.80
CA GLY A 93 -4.78 -1.79 -12.94
C GLY A 93 -4.65 -0.65 -11.94
N VAL A 94 -5.51 -0.59 -10.92
CA VAL A 94 -5.44 0.51 -9.98
C VAL A 94 -4.15 0.41 -9.12
N ALA A 95 -3.82 -0.82 -8.65
CA ALA A 95 -2.68 -0.97 -7.76
C ALA A 95 -1.41 -0.65 -8.57
N ARG A 96 -1.36 -1.15 -9.78
CA ARG A 96 -0.15 -0.88 -10.58
CA ARG A 96 -0.18 -0.91 -10.65
C ARG A 96 0.05 0.62 -10.90
N TYR A 97 -1.07 1.28 -11.14
CA TYR A 97 -1.05 2.72 -11.33
C TYR A 97 -0.51 3.45 -10.10
N LEU A 98 -1.09 3.09 -8.94
CA LEU A 98 -0.72 3.73 -7.71
C LEU A 98 0.75 3.43 -7.33
N ILE A 99 1.22 2.21 -7.59
CA ILE A 99 2.61 1.85 -7.28
C ILE A 99 3.50 2.72 -8.15
N GLY A 100 3.13 2.93 -9.41
CA GLY A 100 3.92 3.84 -10.29
C GLY A 100 3.95 5.28 -9.80
N VAL A 101 2.83 5.78 -9.29
CA VAL A 101 2.72 7.09 -8.70
C VAL A 101 3.65 7.19 -7.49
N MET A 102 3.58 6.20 -6.62
CA MET A 102 4.40 6.22 -5.40
C MET A 102 5.90 6.11 -5.71
N GLU A 103 6.25 5.33 -6.72
CA GLU A 103 7.68 5.31 -7.20
C GLU A 103 8.15 6.68 -7.61
N ASN A 104 7.34 7.45 -8.38
CA ASN A 104 7.73 8.77 -8.78
C ASN A 104 7.83 9.67 -7.58
N LEU A 105 6.84 9.60 -6.67
CA LEU A 105 6.90 10.40 -5.48
C LEU A 105 8.21 10.09 -4.67
N ALA A 106 8.55 8.82 -4.51
CA ALA A 106 9.79 8.44 -3.76
C ALA A 106 11.01 9.05 -4.42
N ARG A 107 11.08 8.93 -5.74
CA ARG A 107 12.30 9.45 -6.49
C ARG A 107 12.36 10.95 -6.34
N GLU A 108 11.24 11.59 -6.58
CA GLU A 108 11.18 13.05 -6.72
C GLU A 108 11.26 13.79 -5.40
N GLN A 109 10.48 13.39 -4.42
CA GLN A 109 10.37 14.03 -3.16
C GLN A 109 11.37 13.51 -2.10
N TYR A 110 11.74 12.22 -2.16
CA TYR A 110 12.64 11.68 -1.18
C TYR A 110 14.02 11.37 -1.73
N LYS A 111 14.20 11.62 -3.03
CA LYS A 111 15.47 11.27 -3.73
C LYS A 111 15.83 9.80 -3.50
N ALA A 112 14.83 8.92 -3.41
CA ALA A 112 15.08 7.52 -3.13
C ALA A 112 15.66 6.81 -4.32
N ARG A 113 16.57 5.89 -4.07
CA ARG A 113 17.13 5.08 -5.11
C ARG A 113 16.49 3.71 -5.19
N LEU A 114 15.66 3.36 -4.17
CA LEU A 114 15.10 2.04 -4.07
C LEU A 114 13.71 2.18 -3.44
N MET A 115 12.80 1.31 -3.87
CA MET A 115 11.51 1.13 -3.21
C MET A 115 11.50 -0.28 -2.62
N LYS A 116 11.12 -0.35 -1.36
CA LYS A 116 10.90 -1.63 -0.66
C LYS A 116 9.38 -1.87 -0.54
N ILE A 117 9.02 -3.14 -0.78
CA ILE A 117 7.63 -3.61 -0.51
CA ILE A 117 7.67 -3.60 -0.46
C ILE A 117 7.77 -4.92 0.23
N SER A 118 6.93 -5.08 1.27
CA SER A 118 6.82 -6.35 1.96
C SER A 118 5.42 -6.88 1.73
N CYS A 119 5.37 -8.18 1.46
CA CYS A 119 4.11 -8.85 1.15
C CYS A 119 4.02 -10.15 1.92
N PHE A 120 2.88 -10.40 2.59
CA PHE A 120 2.70 -11.71 3.26
C PHE A 120 2.58 -12.85 2.28
N ASN A 121 3.01 -14.03 2.69
CA ASN A 121 3.05 -15.20 1.87
C ASN A 121 1.71 -15.57 1.28
N ALA A 122 0.62 -15.37 2.03
CA ALA A 122 -0.66 -15.78 1.54
C ALA A 122 -1.20 -14.94 0.38
N ASN A 123 -0.65 -13.74 0.21
CA ASN A 123 -1.10 -12.80 -0.80
C ASN A 123 -0.45 -13.05 -2.18
N ALA A 124 -0.87 -14.10 -2.83
CA ALA A 124 -0.35 -14.50 -4.14
C ALA A 124 -0.49 -13.36 -5.14
N ALA A 125 -1.67 -12.75 -5.18
CA ALA A 125 -1.89 -11.67 -6.13
C ALA A 125 -0.89 -10.53 -5.97
N GLY A 126 -0.62 -10.15 -4.73
CA GLY A 126 0.39 -9.18 -4.44
C GLY A 126 1.80 -9.59 -4.94
N LEU A 127 2.20 -10.81 -4.58
CA LEU A 127 3.54 -11.27 -4.96
C LEU A 127 3.71 -11.29 -6.43
N LEU A 128 2.67 -11.68 -7.19
CA LEU A 128 2.76 -11.71 -8.64
C LEU A 128 2.78 -10.30 -9.26
N LEU A 129 1.99 -9.40 -8.70
CA LEU A 129 1.96 -8.04 -9.24
CA LEU A 129 1.90 -7.99 -9.14
C LEU A 129 3.28 -7.34 -9.00
N TYR A 130 3.81 -7.46 -7.79
CA TYR A 130 5.07 -6.74 -7.52
C TYR A 130 6.17 -7.32 -8.41
N THR A 131 6.16 -8.63 -8.66
CA THR A 131 7.10 -9.31 -9.55
C THR A 131 6.95 -8.78 -10.97
N GLN A 132 5.73 -8.64 -11.45
CA GLN A 132 5.49 -8.07 -12.79
C GLN A 132 6.10 -6.67 -12.87
N LEU A 133 6.07 -5.92 -11.77
CA LEU A 133 6.52 -4.52 -11.75
C LEU A 133 8.00 -4.37 -11.51
N GLY A 134 8.69 -5.49 -11.44
CA GLY A 134 10.16 -5.49 -11.44
C GLY A 134 10.74 -5.61 -10.06
N TYR A 135 9.91 -5.88 -9.05
CA TYR A 135 10.41 -6.05 -7.69
C TYR A 135 10.99 -7.45 -7.59
N GLN A 136 12.08 -7.58 -6.86
CA GLN A 136 12.74 -8.87 -6.64
C GLN A 136 12.75 -9.19 -5.16
N PRO A 137 12.62 -10.49 -4.81
CA PRO A 137 12.65 -10.89 -3.40
C PRO A 137 14.04 -10.84 -2.82
N ARG A 138 14.16 -10.24 -1.68
CA ARG A 138 15.43 -10.11 -0.99
C ARG A 138 15.58 -10.90 0.27
N ALA A 139 14.50 -11.07 1.05
CA ALA A 139 14.56 -11.82 2.28
C ALA A 139 13.16 -12.28 2.68
N ILE A 140 13.15 -13.26 3.55
CA ILE A 140 11.90 -13.76 4.18
C ILE A 140 12.03 -13.60 5.68
N ALA A 141 11.04 -12.97 6.34
CA ALA A 141 11.03 -12.82 7.79
C ALA A 141 9.82 -13.49 8.40
N GLU A 142 9.98 -13.96 9.61
CA GLU A 142 8.88 -14.61 10.32
C GLU A 142 8.07 -13.50 10.94
N ARG A 143 6.73 -13.62 10.86
CA ARG A 143 5.86 -12.73 11.60
C ARG A 143 4.71 -13.64 12.11
N HIS A 144 3.86 -13.07 12.94
CA HIS A 144 2.71 -13.75 13.46
C HIS A 144 1.40 -13.06 13.11
N ASP A 145 0.42 -13.86 12.74
CA ASP A 145 -0.88 -13.33 12.38
C ASP A 145 -1.74 -13.17 13.65
N PRO A 146 -2.99 -12.68 13.51
CA PRO A 146 -3.78 -12.37 14.72
C PRO A 146 -4.13 -13.57 15.58
N ASP A 147 -4.08 -14.74 14.99
CA ASP A 147 -4.34 -15.98 15.74
C ASP A 147 -3.08 -16.56 16.35
N GLY A 148 -1.98 -15.82 16.27
CA GLY A 148 -0.70 -16.32 16.75
C GLY A 148 -0.05 -17.34 15.86
N ARG A 149 -0.47 -17.49 14.59
CA ARG A 149 0.12 -18.47 13.68
C ARG A 149 1.30 -17.78 12.94
N ARG A 150 2.32 -18.58 12.64
CA ARG A 150 3.50 -18.07 11.91
C ARG A 150 3.18 -17.86 10.44
N VAL A 151 3.59 -16.71 9.94
CA VAL A 151 3.47 -16.38 8.54
C VAL A 151 4.84 -15.90 8.05
N ALA A 152 5.01 -15.88 6.75
CA ALA A 152 6.31 -15.44 6.12
C ALA A 152 6.06 -14.15 5.45
N LEU A 153 6.85 -13.13 5.79
CA LEU A 153 6.76 -11.84 5.17
C LEU A 153 7.88 -11.77 4.15
N ILE A 154 7.49 -11.63 2.88
CA ILE A 154 8.48 -11.63 1.79
C ILE A 154 8.85 -10.16 1.52
N GLN A 155 10.15 -9.84 1.70
CA GLN A 155 10.64 -8.48 1.58
C GLN A 155 11.24 -8.36 0.19
N MET A 156 10.71 -7.43 -0.58
CA MET A 156 11.05 -7.27 -2.00
C MET A 156 11.60 -5.82 -2.16
N ASP A 157 12.35 -5.62 -3.24
CA ASP A 157 12.76 -4.27 -3.58
C ASP A 157 12.95 -4.08 -5.07
N LYS A 158 13.13 -2.79 -5.47
CA LYS A 158 13.29 -2.40 -6.89
C LYS A 158 14.08 -1.10 -6.94
N PRO A 159 15.16 -1.03 -7.76
CA PRO A 159 15.81 0.28 -7.93
C PRO A 159 14.94 1.21 -8.74
N LEU A 160 15.00 2.47 -8.39
CA LEU A 160 14.14 3.51 -8.98
C LEU A 160 14.87 4.23 -10.07
N GLU A 161 14.19 4.55 -11.17
CA GLU A 161 14.94 5.01 -12.41
C GLU A 161 15.15 3.92 -13.48
S SO4 B . -3.98 -4.26 -10.19
O1 SO4 B . -4.81 -4.78 -11.29
O2 SO4 B . -4.80 -3.56 -9.18
O3 SO4 B . -3.33 -5.36 -9.44
O4 SO4 B . -3.01 -3.29 -10.73
S SO4 C . 5.76 -10.89 15.13
O1 SO4 C . 4.84 -10.63 14.06
O2 SO4 C . 5.08 -10.88 16.46
O3 SO4 C . 6.40 -12.24 15.03
O4 SO4 C . 6.82 -9.83 15.06
S SO4 D . 3.23 13.86 3.50
O1 SO4 D . 2.95 13.38 2.14
O2 SO4 D . 2.12 13.61 4.45
O3 SO4 D . 4.42 13.16 3.99
O4 SO4 D . 3.49 15.32 3.38
S KOV E . 4.23 -5.67 6.82
C1 KOV E . 7.23 -3.47 13.15
N1 KOV E . 6.30 -5.42 12.31
O1 KOV E . 7.27 -4.42 12.07
C2 KOV E . 5.75 -5.83 11.22
N2 KOV E . 5.27 -4.30 9.52
O2 KOV E . 4.51 -7.32 12.60
C3 KOV E . 4.75 -6.83 11.32
N3 KOV E . 3.92 -3.02 7.03
O3 KOV E . 6.96 -5.73 9.18
C4 KOV E . 3.92 -7.45 10.44
N4 KOV E . 2.17 -4.28 0.80
O4 KOV E . 4.06 -1.45 8.78
C5 KOV E . 3.15 -8.39 11.19
O5 KOV E . 2.19 -4.01 2.96
C6 KOV E . 3.51 -8.27 12.44
O6 KOV E . 0.38 -3.22 1.85
C7 KOV E . 6.05 -5.30 9.87
O7 KOV E . 1.76 -0.92 5.46
C8 KOV E . 5.45 -3.52 8.30
O8 KOV E . 1.36 -1.64 7.50
C9 KOV E . 4.97 -4.05 6.95
C10 KOV E . 4.36 -2.43 8.11
C11 KOV E . 2.79 -2.95 6.14
C12 KOV E . 2.60 -3.95 5.33
C13 KOV E . 3.32 -5.27 5.28
C14 KOV E . 1.50 -3.89 4.27
C15 KOV E . 1.48 -3.80 1.85
C16 KOV E . 1.89 -1.78 6.39
C1 EDO F . -5.93 13.92 5.82
O1 EDO F . -4.86 14.10 6.75
C2 EDO F . -6.51 12.52 6.03
O2 EDO F . -6.56 12.18 7.42
C1 EDO G . -7.85 17.88 3.84
O1 EDO G . -7.89 16.58 4.42
C2 EDO G . -9.26 18.17 3.37
O2 EDO G . -10.14 18.03 4.47
C1 EDO H . -4.79 -14.09 9.25
O1 EDO H . -5.57 -12.96 8.84
C2 EDO H . -3.55 -14.07 8.38
O2 EDO H . -2.92 -15.36 8.41
C1 EDO I . 13.26 -7.77 10.36
O1 EDO I . 12.41 -7.40 9.27
C2 EDO I . 13.39 -9.28 10.40
O2 EDO I . 12.62 -9.85 11.46
C1 EDO J . -6.89 -4.53 1.14
C1 EDO J . -7.38 -3.97 -0.66
O1 EDO J . -6.05 -5.66 0.82
O1 EDO J . -7.94 -4.40 0.59
C2 EDO J . -7.51 -3.79 -0.05
C2 EDO J . -6.58 -5.05 -1.40
O2 EDO J . -6.92 -4.06 -1.31
O2 EDO J . -5.75 -4.39 -2.37
C1 EDO K . -5.84 -8.17 -0.73
C1 EDO K . -5.77 -8.65 -3.07
O1 EDO K . -5.12 -8.24 0.52
O1 EDO K . -6.07 -10.06 -3.18
C2 EDO K . -5.02 -8.73 -1.90
C2 EDO K . -4.91 -8.38 -1.82
O2 EDO K . -5.90 -9.19 -2.94
O2 EDO K . -3.60 -7.90 -2.23
C1 EDO L . 19.24 2.60 -2.17
C1 EDO L . 19.77 1.79 -2.49
O1 EDO L . 19.09 2.60 -0.80
O1 EDO L . 20.21 0.51 -2.03
C2 EDO L . 20.04 1.38 -2.63
C2 EDO L . 20.20 1.98 -3.93
O2 EDO L . 20.16 1.47 -4.05
O2 EDO L . 19.58 1.08 -4.87
C1 EDO M . -16.08 3.07 6.81
O1 EDO M . -16.50 2.65 5.49
C2 EDO M . -15.92 1.86 7.76
O2 EDO M . -15.74 0.68 6.99
#